data_5XZH
#
_entry.id   5XZH
#
_cell.length_a   153.665
_cell.length_b   41.763
_cell.length_c   42.010
_cell.angle_alpha   90.00
_cell.angle_beta   95.58
_cell.angle_gamma   90.00
#
_symmetry.space_group_name_H-M   'C 1 2 1'
#
loop_
_entity.id
_entity.type
_entity.pdbx_description
1 polymer 'Vitamin D3 receptor'
2 polymer 'Mediator of RNA polymerase II transcription subunit 1'
3 non-polymer (1R,3S,5Z)-5-[(2E)-2-[(1R,3aS,7aR)-1-[(2R,6R)-6-(1-adamantyl)-6-oxidanyl-hex-4-yn-2-yl]-7a-methyl-2,3,3a,5,6,7-hexahydro-1H-inden-4-ylidene]ethylidene]-4-methylidene-cyclohexane-1,3-diol
4 water water
#
loop_
_entity_poly.entity_id
_entity_poly.type
_entity_poly.pdbx_seq_one_letter_code
_entity_poly.pdbx_strand_id
1 'polypeptide(L)'
;GSHMGSPNSPLKDSLRPKLSEEQQHIIAILLDAHHKTYDPTYADFRDFRPPVRMDGSTGSVTLDLSPLSMLPHLADLVSY
SIQKVIGFAKMIPGFRDLTSDDQIVLLKSSAIEVIMLRSNQSFTMDDMSWDCGSQDYKYDVTDVSKAGHTLELIEPLIKF
QVGLKKLNLHEEEHVLLMAICIVSPDRPGVQDAKLVEAIQDRLSNTLQTYIRCRHPPPGSHQLYAKMIQKLADLRSLNEE
HSKQYRSLSFQPENSMKLTPLVLEVFGNEIS
;
A
2 'polypeptide(L)' KNHPMLMNLLKDN C
#
loop_
_chem_comp.id
_chem_comp.type
_chem_comp.name
_chem_comp.formula
8J3 non-polymer (1R,3S,5Z)-5-[(2E)-2-[(1R,3aS,7aR)-1-[(2R,6R)-6-(1-adamantyl)-6-oxidanyl-hex-4-yn-2-yl]-7a-methyl-2,3,3a,5,6,7-hexahydro-1H-inden-4-ylidene]ethylidene]-4-methylidene-cyclohexane-1,3-diol 'C35 H50 O3'
#
# COMPACT_ATOMS: atom_id res chain seq x y z
N ARG A 16 -24.62 10.55 20.18
CA ARG A 16 -24.19 9.11 20.30
C ARG A 16 -23.77 8.59 18.90
N PRO A 17 -22.45 8.51 18.62
CA PRO A 17 -22.00 7.90 17.35
C PRO A 17 -22.19 6.37 17.37
N LYS A 18 -23.02 5.85 16.46
CA LYS A 18 -23.34 4.43 16.38
C LYS A 18 -22.80 3.89 15.06
N LEU A 19 -22.26 2.67 15.10
CA LEU A 19 -21.72 2.08 13.88
C LEU A 19 -22.88 1.47 13.08
N SER A 20 -23.27 2.12 11.97
CA SER A 20 -24.46 1.70 11.24
C SER A 20 -24.25 0.33 10.57
N GLU A 21 -25.33 -0.22 10.01
CA GLU A 21 -25.29 -1.53 9.34
C GLU A 21 -24.38 -1.43 8.14
N GLU A 22 -24.58 -0.35 7.38
CA GLU A 22 -23.81 -0.04 6.21
C GLU A 22 -22.30 0.06 6.54
N GLN A 23 -21.93 0.74 7.65
CA GLN A 23 -20.54 0.81 8.09
C GLN A 23 -19.97 -0.52 8.49
N GLN A 24 -20.79 -1.36 9.09
CA GLN A 24 -20.29 -2.69 9.43
C GLN A 24 -20.13 -3.52 8.16
N HIS A 25 -20.96 -3.26 7.15
CA HIS A 25 -20.92 -4.07 5.93
C HIS A 25 -19.60 -3.70 5.24
N ILE A 26 -19.35 -2.41 5.16
CA ILE A 26 -18.11 -1.80 4.62
C ILE A 26 -16.88 -2.41 5.22
N ILE A 27 -16.86 -2.50 6.53
CA ILE A 27 -15.76 -3.16 7.24
C ILE A 27 -15.57 -4.62 6.94
N ALA A 28 -16.65 -5.37 7.07
CA ALA A 28 -16.68 -6.79 6.66
C ALA A 28 -16.16 -7.07 5.23
N ILE A 29 -16.55 -6.20 4.24
CA ILE A 29 -16.07 -6.32 2.86
C ILE A 29 -14.55 -6.14 2.74
N LEU A 30 -14.05 -5.08 3.37
CA LEU A 30 -12.64 -4.74 3.33
C LEU A 30 -11.82 -5.74 4.06
N LEU A 31 -12.31 -6.28 5.16
CA LEU A 31 -11.58 -7.39 5.81
C LEU A 31 -11.40 -8.57 4.88
N ASP A 32 -12.51 -9.01 4.28
CA ASP A 32 -12.50 -10.15 3.38
C ASP A 32 -11.65 -9.88 2.16
N ALA A 33 -11.76 -8.65 1.62
CA ALA A 33 -10.95 -8.18 0.45
C ALA A 33 -9.46 -8.25 0.73
N HIS A 34 -9.09 -7.84 1.95
CA HIS A 34 -7.74 -8.07 2.44
C HIS A 34 -7.34 -9.56 2.60
N HIS A 35 -8.23 -10.33 3.19
CA HIS A 35 -7.96 -11.79 3.33
C HIS A 35 -7.83 -12.44 1.96
N LYS A 36 -8.55 -11.94 0.95
CA LYS A 36 -8.41 -12.50 -0.41
C LYS A 36 -7.12 -12.08 -1.10
N THR A 37 -6.42 -11.06 -0.60
CA THR A 37 -5.31 -10.50 -1.34
C THR A 37 -4.03 -10.41 -0.59
N TYR A 38 -4.04 -10.80 0.67
CA TYR A 38 -2.80 -10.85 1.44
C TYR A 38 -2.69 -12.29 1.92
N ASP A 39 -1.72 -13.03 1.39
CA ASP A 39 -1.42 -14.40 1.78
C ASP A 39 -0.33 -14.38 2.86
N PRO A 40 -0.74 -14.50 4.13
CA PRO A 40 0.25 -14.52 5.20
C PRO A 40 1.11 -15.83 5.25
N THR A 41 0.89 -16.82 4.39
CA THR A 41 1.85 -17.92 4.10
C THR A 41 3.10 -17.46 3.36
N TYR A 42 2.93 -16.41 2.55
CA TYR A 42 3.99 -16.01 1.63
C TYR A 42 4.44 -17.10 0.60
N ALA A 43 3.51 -18.00 0.27
CA ALA A 43 3.84 -19.17 -0.56
C ALA A 43 4.30 -18.79 -1.97
N ASP A 44 3.68 -17.76 -2.58
CA ASP A 44 3.99 -17.43 -3.97
C ASP A 44 5.39 -16.88 -4.15
N PHE A 45 6.04 -16.51 -3.06
CA PHE A 45 7.40 -15.92 -3.16
C PHE A 45 8.46 -16.83 -3.85
N ARG A 46 8.27 -18.15 -3.85
CA ARG A 46 9.16 -19.06 -4.58
C ARG A 46 9.11 -18.80 -6.10
N ASP A 47 7.99 -18.23 -6.56
CA ASP A 47 7.83 -17.90 -7.98
C ASP A 47 8.72 -16.75 -8.43
N PHE A 48 9.29 -15.98 -7.51
CA PHE A 48 9.97 -14.73 -7.90
C PHE A 48 11.39 -15.08 -8.25
N ARG A 49 12.04 -14.24 -9.05
CA ARG A 49 13.46 -14.44 -9.29
C ARG A 49 14.12 -14.46 -7.93
N PRO A 50 15.19 -15.23 -7.76
CA PRO A 50 15.60 -15.43 -6.36
C PRO A 50 16.46 -14.25 -5.82
N PRO A 51 16.47 -14.07 -4.49
CA PRO A 51 17.23 -12.97 -3.92
C PRO A 51 18.73 -13.25 -3.90
N VAL A 52 19.55 -12.28 -4.22
CA VAL A 52 20.99 -12.40 -4.03
C VAL A 52 21.52 -11.43 -2.96
N ARG A 53 22.35 -11.95 -2.04
CA ARG A 53 22.89 -11.18 -0.88
C ARG A 53 24.43 -11.22 -0.64
N PRO A 67 25.98 -4.78 -5.88
CA PRO A 67 25.89 -4.34 -7.27
C PRO A 67 24.44 -4.36 -7.82
N LEU A 68 23.48 -4.06 -6.95
CA LEU A 68 22.00 -4.22 -7.17
C LEU A 68 21.46 -5.67 -7.24
N SER A 69 22.11 -6.49 -6.44
CA SER A 69 21.82 -7.89 -6.30
C SER A 69 20.37 -8.25 -5.98
N MET A 70 19.61 -7.35 -5.32
CA MET A 70 18.22 -7.64 -4.90
C MET A 70 17.17 -7.13 -5.85
N LEU A 71 17.59 -6.37 -6.85
CA LEU A 71 16.66 -5.70 -7.68
C LEU A 71 15.69 -6.65 -8.41
N PRO A 72 16.16 -7.80 -8.91
CA PRO A 72 15.21 -8.68 -9.62
C PRO A 72 14.11 -9.31 -8.75
N HIS A 73 14.47 -9.64 -7.53
CA HIS A 73 13.56 -10.29 -6.61
C HIS A 73 12.54 -9.29 -6.07
N LEU A 74 13.03 -8.13 -5.66
CA LEU A 74 12.21 -7.09 -5.14
C LEU A 74 11.35 -6.46 -6.23
N ALA A 75 11.84 -6.37 -7.46
CA ALA A 75 10.97 -5.97 -8.56
C ALA A 75 9.79 -6.90 -8.64
N ASP A 76 10.06 -8.20 -8.54
CA ASP A 76 9.02 -9.22 -8.59
C ASP A 76 8.07 -9.20 -7.40
N LEU A 77 8.63 -9.03 -6.22
CA LEU A 77 7.82 -8.91 -5.03
C LEU A 77 6.87 -7.70 -5.18
N VAL A 78 7.43 -6.58 -5.49
CA VAL A 78 6.58 -5.37 -5.72
C VAL A 78 5.58 -5.59 -6.85
N SER A 79 5.97 -6.26 -7.92
CA SER A 79 5.01 -6.49 -9.02
C SER A 79 3.76 -7.29 -8.62
N TYR A 80 4.02 -8.36 -7.88
CA TYR A 80 3.05 -9.23 -7.31
C TYR A 80 2.12 -8.47 -6.42
N SER A 81 2.72 -7.62 -5.60
CA SER A 81 2.02 -6.83 -4.60
C SER A 81 1.17 -5.74 -5.26
N ILE A 82 1.65 -5.18 -6.36
CA ILE A 82 0.76 -4.27 -7.13
C ILE A 82 -0.50 -5.04 -7.55
N GLN A 83 -0.34 -6.31 -7.92
CA GLN A 83 -1.50 -7.07 -8.37
C GLN A 83 -2.49 -7.25 -7.26
N LYS A 84 -2.00 -7.48 -6.05
CA LYS A 84 -2.85 -7.68 -4.91
C LYS A 84 -3.50 -6.41 -4.49
N VAL A 85 -2.75 -5.37 -4.54
CA VAL A 85 -3.33 -4.06 -4.27
C VAL A 85 -4.43 -3.73 -5.24
N ILE A 86 -4.23 -4.04 -6.51
CA ILE A 86 -5.31 -3.77 -7.50
C ILE A 86 -6.56 -4.60 -7.16
N GLY A 87 -6.38 -5.89 -6.83
CA GLY A 87 -7.51 -6.75 -6.40
C GLY A 87 -8.22 -6.23 -5.14
N PHE A 88 -7.45 -5.65 -4.21
CA PHE A 88 -8.09 -5.11 -2.98
C PHE A 88 -8.90 -3.90 -3.36
N ALA A 89 -8.29 -3.04 -4.17
CA ALA A 89 -8.95 -1.81 -4.56
C ALA A 89 -10.28 -2.06 -5.18
N LYS A 90 -10.32 -3.07 -6.07
CA LYS A 90 -11.56 -3.33 -6.80
C LYS A 90 -12.73 -3.66 -5.91
N MET A 91 -12.45 -4.12 -4.70
CA MET A 91 -13.48 -4.47 -3.73
C MET A 91 -13.85 -3.34 -2.77
N ILE A 92 -13.19 -2.21 -2.85
CA ILE A 92 -13.54 -1.06 -2.05
C ILE A 92 -14.92 -0.61 -2.48
N PRO A 93 -15.87 -0.52 -1.53
CA PRO A 93 -17.20 -0.01 -1.78
C PRO A 93 -17.21 1.33 -2.45
N GLY A 94 -17.83 1.40 -3.61
CA GLY A 94 -17.91 2.64 -4.38
C GLY A 94 -16.79 2.81 -5.40
N PHE A 95 -15.74 2.00 -5.30
CA PHE A 95 -14.62 2.14 -6.22
C PHE A 95 -15.01 1.76 -7.63
N ARG A 96 -15.80 0.71 -7.78
CA ARG A 96 -16.28 0.31 -9.14
C ARG A 96 -17.25 1.32 -9.82
N ASP A 97 -17.74 2.33 -9.09
CA ASP A 97 -18.47 3.45 -9.67
C ASP A 97 -17.58 4.53 -10.27
N LEU A 98 -16.27 4.46 -10.11
CA LEU A 98 -15.37 5.44 -10.73
C LEU A 98 -15.21 5.13 -12.19
N THR A 99 -14.77 6.11 -12.96
CA THR A 99 -14.41 5.87 -14.35
C THR A 99 -13.16 5.03 -14.32
N SER A 100 -12.96 4.25 -15.36
CA SER A 100 -11.82 3.39 -15.38
C SER A 100 -10.51 4.23 -15.42
N ASP A 101 -10.55 5.41 -16.05
CA ASP A 101 -9.42 6.38 -16.00
C ASP A 101 -9.07 6.86 -14.55
N ASP A 102 -10.08 7.05 -13.71
CA ASP A 102 -9.93 7.55 -12.34
C ASP A 102 -9.36 6.39 -11.49
N GLN A 103 -9.94 5.23 -11.66
CA GLN A 103 -9.41 3.95 -11.09
C GLN A 103 -7.96 3.81 -11.38
N ILE A 104 -7.57 4.09 -12.63
CA ILE A 104 -6.18 3.98 -13.05
C ILE A 104 -5.29 5.01 -12.38
N VAL A 105 -5.69 6.29 -12.39
CA VAL A 105 -4.85 7.28 -11.80
C VAL A 105 -4.71 7.03 -10.26
N LEU A 106 -5.74 6.52 -9.61
CA LEU A 106 -5.76 6.33 -8.18
C LEU A 106 -4.82 5.21 -7.77
N LEU A 107 -4.74 4.13 -8.57
CA LEU A 107 -3.77 3.07 -8.34
C LEU A 107 -2.33 3.41 -8.71
N LYS A 108 -2.16 4.13 -9.78
CA LYS A 108 -0.79 4.50 -10.19
C LYS A 108 -0.18 5.31 -9.07
N SER A 109 -0.93 6.26 -8.54
CA SER A 109 -0.34 7.19 -7.56
C SER A 109 -0.23 6.54 -6.15
N SER A 110 -1.15 5.67 -5.79
CA SER A 110 -1.17 5.04 -4.46
C SER A 110 -0.42 3.74 -4.31
N ALA A 111 -0.19 3.03 -5.41
CA ALA A 111 0.35 1.69 -5.31
C ALA A 111 1.49 1.52 -4.31
N ILE A 112 2.54 2.32 -4.48
CA ILE A 112 3.74 2.21 -3.66
C ILE A 112 3.44 2.54 -2.19
N GLU A 113 2.55 3.49 -1.99
CA GLU A 113 2.03 3.79 -0.67
C GLU A 113 1.30 2.63 -0.07
N VAL A 114 0.39 2.01 -0.84
CA VAL A 114 -0.37 0.95 -0.27
C VAL A 114 0.55 -0.22 -0.02
N ILE A 115 1.56 -0.43 -0.85
CA ILE A 115 2.51 -1.46 -0.54
C ILE A 115 3.29 -1.23 0.80
N MET A 116 3.75 -0.02 1.04
CA MET A 116 4.47 0.31 2.28
C MET A 116 3.53 0.05 3.45
N LEU A 117 2.28 0.48 3.31
CA LEU A 117 1.23 0.21 4.31
C LEU A 117 0.96 -1.26 4.59
N ARG A 118 0.72 -2.07 3.55
CA ARG A 118 0.44 -3.50 3.74
C ARG A 118 1.58 -4.27 4.23
N SER A 119 2.76 -3.79 3.87
CA SER A 119 3.98 -4.42 4.31
C SER A 119 4.12 -4.36 5.84
N ASN A 120 3.45 -3.39 6.48
CA ASN A 120 3.49 -3.35 7.93
C ASN A 120 3.15 -4.64 8.55
N GLN A 121 2.35 -5.48 7.86
CA GLN A 121 1.97 -6.73 8.41
C GLN A 121 3.15 -7.67 8.53
N SER A 122 4.14 -7.60 7.68
CA SER A 122 5.33 -8.44 7.83
C SER A 122 6.54 -7.77 8.52
N PHE A 123 6.50 -6.46 8.71
CA PHE A 123 7.53 -5.73 9.42
C PHE A 123 7.57 -6.16 10.89
N THR A 124 8.78 -6.36 11.40
CA THR A 124 8.93 -6.66 12.83
C THR A 124 9.93 -5.72 13.42
N MET A 125 9.57 -5.10 14.53
CA MET A 125 10.46 -4.20 15.27
C MET A 125 11.67 -4.84 16.00
N ASP A 126 11.67 -6.17 16.15
CA ASP A 126 12.83 -6.86 16.69
C ASP A 126 14.02 -6.40 15.90
N ASP A 127 14.01 -6.70 14.61
CA ASP A 127 15.12 -6.53 13.68
C ASP A 127 14.96 -5.31 12.83
N MET A 128 13.80 -4.66 12.85
CA MET A 128 13.49 -3.62 11.88
C MET A 128 13.69 -4.23 10.48
N SER A 129 12.94 -5.28 10.21
CA SER A 129 13.04 -6.00 8.97
C SER A 129 11.66 -6.49 8.66
N TRP A 130 11.44 -6.80 7.39
CA TRP A 130 10.19 -7.38 6.94
C TRP A 130 10.40 -8.87 6.81
N ASP A 131 9.66 -9.63 7.57
CA ASP A 131 9.96 -11.07 7.78
C ASP A 131 8.87 -11.91 7.12
N CYS A 132 9.11 -12.42 5.94
CA CYS A 132 8.04 -13.16 5.25
C CYS A 132 8.24 -14.69 5.28
N GLY A 133 8.38 -15.23 6.50
CA GLY A 133 8.32 -16.66 6.71
C GLY A 133 9.65 -17.41 6.75
N SER A 134 10.71 -16.91 6.12
CA SER A 134 12.01 -17.60 6.11
C SER A 134 13.17 -16.65 5.80
N GLN A 135 14.39 -17.12 6.03
CA GLN A 135 15.57 -16.27 5.95
C GLN A 135 15.77 -15.68 4.57
N ASP A 136 15.41 -16.47 3.56
CA ASP A 136 15.42 -15.99 2.20
C ASP A 136 14.49 -14.80 2.04
N TYR A 137 13.31 -14.90 2.63
CA TYR A 137 12.27 -13.88 2.51
C TYR A 137 12.17 -12.99 3.75
N LYS A 138 13.32 -12.51 4.17
CA LYS A 138 13.43 -11.66 5.32
C LYS A 138 14.25 -10.49 4.85
N TYR A 139 13.68 -9.30 4.94
CA TYR A 139 14.21 -8.18 4.22
C TYR A 139 14.56 -7.09 5.22
N ASP A 140 15.80 -6.65 5.17
CA ASP A 140 16.30 -5.64 6.11
C ASP A 140 16.79 -4.43 5.34
N VAL A 141 17.33 -3.45 6.03
CA VAL A 141 17.83 -2.26 5.30
C VAL A 141 18.95 -2.56 4.27
N THR A 142 19.81 -3.55 4.52
CA THR A 142 20.86 -3.86 3.54
C THR A 142 20.24 -4.33 2.21
N ASP A 143 19.17 -5.12 2.31
CA ASP A 143 18.48 -5.58 1.13
C ASP A 143 17.84 -4.46 0.35
N VAL A 144 17.29 -3.48 1.03
CA VAL A 144 16.63 -2.38 0.38
C VAL A 144 17.63 -1.49 -0.33
N SER A 145 18.77 -1.24 0.30
CA SER A 145 19.86 -0.48 -0.37
C SER A 145 20.46 -1.30 -1.49
N LYS A 146 20.45 -2.64 -1.36
CA LYS A 146 20.84 -3.54 -2.46
C LYS A 146 19.82 -3.59 -3.63
N ALA A 147 18.82 -2.74 -3.63
CA ALA A 147 17.93 -2.52 -4.75
C ALA A 147 18.07 -1.08 -5.27
N GLY A 148 19.06 -0.34 -4.75
CA GLY A 148 19.38 1.03 -5.20
C GLY A 148 18.83 2.20 -4.39
N HIS A 149 18.45 1.97 -3.15
CA HIS A 149 17.95 3.05 -2.33
C HIS A 149 18.98 3.48 -1.35
N THR A 150 18.97 4.76 -1.06
CA THR A 150 19.89 5.32 -0.10
C THR A 150 19.07 5.52 1.17
N LEU A 151 19.71 6.02 2.22
CA LEU A 151 18.99 6.48 3.40
C LEU A 151 18.03 7.62 3.12
N GLU A 152 18.07 8.24 1.94
CA GLU A 152 17.02 9.16 1.53
C GLU A 152 15.61 8.56 1.68
N LEU A 153 15.46 7.30 1.24
CA LEU A 153 14.17 6.63 1.31
C LEU A 153 14.11 5.77 2.55
N ILE A 154 15.16 5.01 2.79
CA ILE A 154 15.14 3.95 3.81
C ILE A 154 14.88 4.47 5.23
N GLU A 155 15.49 5.61 5.57
CA GLU A 155 15.40 6.09 6.92
C GLU A 155 13.97 6.50 7.22
N PRO A 156 13.33 7.38 6.41
CA PRO A 156 11.90 7.68 6.65
C PRO A 156 10.94 6.47 6.41
N LEU A 157 11.33 5.53 5.55
CA LEU A 157 10.58 4.29 5.45
C LEU A 157 10.57 3.49 6.75
N ILE A 158 11.73 3.32 7.34
CA ILE A 158 11.74 2.56 8.59
C ILE A 158 11.01 3.33 9.70
N LYS A 159 11.25 4.62 9.81
CA LYS A 159 10.54 5.39 10.81
C LYS A 159 9.06 5.27 10.58
N PHE A 160 8.61 5.33 9.34
CA PHE A 160 7.19 5.11 9.03
C PHE A 160 6.69 3.73 9.52
N GLN A 161 7.39 2.67 9.17
CA GLN A 161 7.01 1.31 9.65
C GLN A 161 6.96 1.20 11.19
N VAL A 162 7.98 1.74 11.83
CA VAL A 162 8.01 1.77 13.28
C VAL A 162 6.82 2.51 13.84
N GLY A 163 6.55 3.74 13.35
CA GLY A 163 5.44 4.54 13.90
C GLY A 163 4.11 3.89 13.62
N LEU A 164 3.97 3.20 12.46
CA LEU A 164 2.71 2.56 12.16
C LEU A 164 2.58 1.36 13.03
N LYS A 165 3.65 0.61 13.22
CA LYS A 165 3.56 -0.60 14.08
C LYS A 165 3.16 -0.23 15.48
N LYS A 166 3.81 0.78 16.03
CA LYS A 166 3.38 1.35 17.33
C LYS A 166 1.93 1.87 17.44
N LEU A 167 1.21 2.12 16.36
CA LEU A 167 -0.22 2.39 16.51
C LEU A 167 -1.02 1.13 16.88
N ASN A 168 -0.51 -0.09 16.65
CA ASN A 168 -1.28 -1.31 16.92
C ASN A 168 -2.67 -1.24 16.37
N LEU A 169 -2.81 -1.06 15.06
CA LEU A 169 -4.12 -0.92 14.52
C LEU A 169 -4.84 -2.25 14.65
N HIS A 170 -6.13 -2.22 14.91
CA HIS A 170 -6.95 -3.40 14.66
C HIS A 170 -6.94 -3.65 13.16
N GLU A 171 -7.18 -4.89 12.73
CA GLU A 171 -7.19 -5.21 11.35
C GLU A 171 -8.22 -4.37 10.58
N GLU A 172 -9.34 -4.08 11.22
CA GLU A 172 -10.36 -3.21 10.71
C GLU A 172 -9.85 -1.83 10.35
N GLU A 173 -9.00 -1.30 11.21
CA GLU A 173 -8.41 0.01 10.94
C GLU A 173 -7.35 -0.05 9.83
N HIS A 174 -6.58 -1.11 9.80
CA HIS A 174 -5.54 -1.28 8.82
C HIS A 174 -6.16 -1.23 7.40
N VAL A 175 -7.30 -1.91 7.23
CA VAL A 175 -7.87 -2.12 5.91
C VAL A 175 -8.57 -0.86 5.46
N LEU A 176 -9.15 -0.13 6.40
CA LEU A 176 -9.75 1.18 6.13
C LEU A 176 -8.70 2.18 5.73
N LEU A 177 -7.56 2.11 6.40
CA LEU A 177 -6.52 3.05 6.05
C LEU A 177 -6.01 2.76 4.65
N MET A 178 -5.84 1.50 4.32
CA MET A 178 -5.39 1.21 2.93
C MET A 178 -6.33 1.76 1.90
N ALA A 179 -7.64 1.60 2.12
CA ALA A 179 -8.70 1.99 1.20
C ALA A 179 -8.86 3.52 1.11
N ILE A 180 -8.77 4.19 2.26
CA ILE A 180 -8.76 5.64 2.32
C ILE A 180 -7.56 6.15 1.54
N CYS A 181 -6.43 5.48 1.72
CA CYS A 181 -5.23 5.84 0.94
C CYS A 181 -5.50 5.78 -0.63
N ILE A 182 -6.10 4.69 -1.10
CA ILE A 182 -6.29 4.51 -2.54
C ILE A 182 -7.26 5.60 -3.11
N VAL A 183 -8.37 5.81 -2.41
CA VAL A 183 -9.43 6.71 -2.82
C VAL A 183 -9.21 8.10 -2.24
N SER A 184 -8.08 8.71 -2.60
CA SER A 184 -7.71 10.10 -2.30
C SER A 184 -8.03 11.09 -3.47
N PRO A 185 -8.86 12.11 -3.22
CA PRO A 185 -9.30 13.02 -4.32
C PRO A 185 -8.26 13.96 -4.97
N ASP A 186 -7.14 14.11 -4.32
CA ASP A 186 -6.14 15.08 -4.65
C ASP A 186 -5.04 14.48 -5.45
N ARG A 187 -5.20 13.26 -5.94
CA ARG A 187 -4.13 12.60 -6.64
C ARG A 187 -4.00 13.28 -7.98
N PRO A 188 -2.76 13.45 -8.47
CA PRO A 188 -2.58 13.99 -9.83
C PRO A 188 -3.30 13.17 -10.87
N GLY A 189 -4.04 13.85 -11.73
CA GLY A 189 -4.72 13.24 -12.85
C GLY A 189 -6.16 12.97 -12.55
N VAL A 190 -6.63 13.26 -11.34
CA VAL A 190 -7.99 12.88 -11.01
C VAL A 190 -8.94 13.79 -11.76
N GLN A 191 -9.93 13.17 -12.40
CA GLN A 191 -10.95 13.87 -13.14
C GLN A 191 -12.09 14.20 -12.18
N ASP A 192 -12.93 13.23 -11.78
CA ASP A 192 -14.11 13.45 -10.91
C ASP A 192 -13.73 13.46 -9.40
N ALA A 193 -13.00 14.50 -8.97
CA ALA A 193 -12.64 14.68 -7.57
C ALA A 193 -13.85 14.60 -6.57
N LYS A 194 -15.00 15.10 -6.99
CA LYS A 194 -16.20 15.04 -6.14
C LYS A 194 -16.60 13.62 -5.83
N LEU A 195 -16.57 12.73 -6.82
CA LEU A 195 -16.95 11.35 -6.56
C LEU A 195 -15.92 10.63 -5.68
N VAL A 196 -14.64 10.86 -5.94
CA VAL A 196 -13.56 10.24 -5.22
C VAL A 196 -13.69 10.70 -3.78
N GLU A 197 -13.99 12.00 -3.57
CA GLU A 197 -14.18 12.60 -2.22
C GLU A 197 -15.34 11.99 -1.52
N ALA A 198 -16.49 11.91 -2.20
CA ALA A 198 -17.67 11.22 -1.60
C ALA A 198 -17.38 9.74 -1.18
N ILE A 199 -16.59 8.99 -1.95
CA ILE A 199 -16.32 7.61 -1.55
C ILE A 199 -15.40 7.54 -0.33
N GLN A 200 -14.32 8.30 -0.37
CA GLN A 200 -13.39 8.41 0.71
C GLN A 200 -14.01 8.91 2.01
N ASP A 201 -14.89 9.89 1.90
CA ASP A 201 -15.70 10.36 3.05
C ASP A 201 -16.47 9.24 3.72
N ARG A 202 -17.14 8.41 2.95
CA ARG A 202 -17.85 7.26 3.57
C ARG A 202 -16.88 6.32 4.31
N LEU A 203 -15.68 6.14 3.76
CA LEU A 203 -14.63 5.34 4.41
C LEU A 203 -14.02 6.01 5.67
N SER A 204 -13.73 7.30 5.60
CA SER A 204 -13.22 8.04 6.78
C SER A 204 -14.25 8.11 7.92
N ASN A 205 -15.49 8.48 7.60
CA ASN A 205 -16.61 8.33 8.59
C ASN A 205 -16.76 6.94 9.16
N THR A 206 -16.57 5.91 8.34
CA THR A 206 -16.57 4.55 8.88
C THR A 206 -15.40 4.30 9.83
N LEU A 207 -14.21 4.80 9.45
CA LEU A 207 -13.07 4.69 10.30
C LEU A 207 -13.22 5.48 11.61
N GLN A 208 -13.62 6.72 11.48
CA GLN A 208 -13.76 7.60 12.67
C GLN A 208 -14.75 7.00 13.65
N THR A 209 -15.91 6.60 13.11
CA THR A 209 -16.94 5.96 13.89
C THR A 209 -16.48 4.65 14.51
N TYR A 210 -15.72 3.83 13.77
CA TYR A 210 -15.19 2.56 14.35
C TYR A 210 -14.24 2.78 15.50
N ILE A 211 -13.34 3.75 15.38
CA ILE A 211 -12.40 4.05 16.48
C ILE A 211 -13.19 4.38 17.75
N ARG A 212 -14.17 5.26 17.60
CA ARG A 212 -15.08 5.67 18.72
C ARG A 212 -15.76 4.49 19.36
N CYS A 213 -16.54 3.74 18.59
CA CYS A 213 -17.27 2.63 19.16
C CYS A 213 -16.44 1.42 19.54
N ARG A 214 -15.28 1.21 18.97
CA ARG A 214 -14.63 -0.11 19.14
C ARG A 214 -13.19 -0.05 19.53
N HIS A 215 -12.54 1.13 19.50
CA HIS A 215 -11.12 1.15 19.90
C HIS A 215 -11.03 1.69 21.35
N PRO A 216 -10.67 0.83 22.31
CA PRO A 216 -10.57 1.27 23.71
C PRO A 216 -9.56 2.36 24.00
N PRO A 217 -9.85 3.20 24.99
CA PRO A 217 -8.73 4.02 25.46
C PRO A 217 -7.70 3.15 26.16
N PRO A 218 -6.43 3.56 26.20
CA PRO A 218 -5.94 4.79 25.65
C PRO A 218 -5.44 4.66 24.20
N GLY A 219 -5.36 3.45 23.65
CA GLY A 219 -5.02 3.25 22.23
C GLY A 219 -5.71 4.17 21.25
N SER A 220 -6.96 4.46 21.49
CA SER A 220 -7.74 5.30 20.61
C SER A 220 -7.42 6.76 20.67
N HIS A 221 -6.55 7.16 21.62
CA HIS A 221 -6.23 8.57 21.80
C HIS A 221 -5.64 9.20 20.50
N GLN A 222 -6.38 10.16 19.93
CA GLN A 222 -6.14 10.80 18.64
C GLN A 222 -5.71 9.81 17.57
N LEU A 223 -6.35 8.66 17.53
CA LEU A 223 -5.91 7.60 16.65
C LEU A 223 -6.21 7.98 15.20
N TYR A 224 -7.33 8.66 14.97
CA TYR A 224 -7.67 9.09 13.63
C TYR A 224 -6.60 10.01 13.06
N ALA A 225 -6.25 11.03 13.83
CA ALA A 225 -5.31 12.03 13.39
C ALA A 225 -3.93 11.48 13.21
N LYS A 226 -3.54 10.54 14.06
CA LYS A 226 -2.32 9.78 13.86
C LYS A 226 -2.29 8.93 12.56
N MET A 227 -3.43 8.39 12.19
CA MET A 227 -3.61 7.60 10.99
C MET A 227 -3.49 8.50 9.75
N ILE A 228 -4.09 9.69 9.81
CA ILE A 228 -4.06 10.66 8.70
C ILE A 228 -2.62 11.13 8.49
N GLN A 229 -1.93 11.37 9.59
CA GLN A 229 -0.55 11.76 9.52
C GLN A 229 0.30 10.71 8.81
N LYS A 230 -0.03 9.43 9.00
CA LYS A 230 0.67 8.37 8.29
C LYS A 230 0.43 8.50 6.80
N LEU A 231 -0.76 8.90 6.43
CA LEU A 231 -0.98 9.19 5.02
C LEU A 231 -0.14 10.34 4.49
N ALA A 232 0.13 11.36 5.30
CA ALA A 232 1.09 12.43 4.89
C ALA A 232 2.50 11.95 4.76
N ASP A 233 2.95 11.09 5.71
CA ASP A 233 4.28 10.47 5.61
C ASP A 233 4.45 9.64 4.32
N LEU A 234 3.38 8.91 3.97
CA LEU A 234 3.33 8.12 2.74
C LEU A 234 3.42 9.02 1.49
N ARG A 235 2.74 10.18 1.49
CA ARG A 235 2.91 11.12 0.35
C ARG A 235 4.36 11.51 0.19
N SER A 236 5.02 11.82 1.30
CA SER A 236 6.43 12.25 1.26
C SER A 236 7.31 11.08 0.84
N LEU A 237 7.06 9.89 1.40
CA LEU A 237 7.71 8.68 0.89
C LEU A 237 7.47 8.46 -0.60
N ASN A 238 6.24 8.60 -1.04
CA ASN A 238 5.94 8.56 -2.49
C ASN A 238 6.85 9.47 -3.37
N GLU A 239 6.88 10.74 -3.02
CA GLU A 239 7.79 11.70 -3.64
C GLU A 239 9.26 11.29 -3.71
N GLU A 240 9.79 10.82 -2.60
CA GLU A 240 11.14 10.38 -2.60
C GLU A 240 11.28 9.16 -3.50
N HIS A 241 10.30 8.28 -3.40
CA HIS A 241 10.24 7.07 -4.20
C HIS A 241 10.28 7.43 -5.69
N SER A 242 9.44 8.38 -6.11
CA SER A 242 9.48 8.83 -7.53
C SER A 242 10.88 9.23 -7.98
N LYS A 243 11.53 10.09 -7.20
CA LYS A 243 12.93 10.53 -7.44
C LYS A 243 13.84 9.34 -7.67
N GLN A 244 13.85 8.40 -6.74
CA GLN A 244 14.80 7.34 -6.82
C GLN A 244 14.46 6.41 -8.02
N TYR A 245 13.17 6.13 -8.25
CA TYR A 245 12.74 5.37 -9.42
C TYR A 245 13.19 6.03 -10.74
N ARG A 246 12.91 7.32 -10.89
CA ARG A 246 13.20 8.08 -12.10
C ARG A 246 14.72 8.06 -12.39
N SER A 247 15.48 8.05 -11.30
CA SER A 247 16.92 7.98 -11.34
C SER A 247 17.34 6.58 -11.82
N LEU A 248 16.94 5.54 -11.09
CA LEU A 248 17.12 4.14 -11.51
C LEU A 248 16.65 3.82 -12.94
N SER A 249 15.52 4.39 -13.35
CA SER A 249 15.00 4.26 -14.72
C SER A 249 15.92 4.70 -15.83
N PHE A 250 16.52 5.87 -15.69
CA PHE A 250 17.30 6.46 -16.80
C PHE A 250 18.52 5.63 -17.23
N GLN A 251 18.77 4.49 -16.57
CA GLN A 251 19.66 3.45 -17.09
C GLN A 251 18.83 2.22 -17.64
N PRO A 252 18.69 2.09 -18.98
CA PRO A 252 17.94 0.92 -19.46
C PRO A 252 18.43 -0.42 -18.92
N GLU A 253 19.70 -0.61 -18.77
CA GLU A 253 20.27 -1.80 -18.06
C GLU A 253 19.49 -2.23 -16.81
N ASN A 254 19.08 -1.26 -15.98
CA ASN A 254 18.33 -1.50 -14.74
C ASN A 254 16.83 -1.71 -14.98
N SER A 255 16.27 -0.83 -15.81
CA SER A 255 14.88 -0.89 -16.20
C SER A 255 14.53 -2.23 -16.86
N MET A 256 15.46 -2.76 -17.63
CA MET A 256 15.38 -4.11 -18.18
C MET A 256 15.04 -5.15 -17.14
N LYS A 257 15.56 -4.99 -15.93
CA LYS A 257 15.42 -6.03 -14.89
C LYS A 257 14.08 -5.98 -14.11
N LEU A 258 13.21 -5.03 -14.46
CA LEU A 258 11.93 -4.85 -13.78
C LEU A 258 10.92 -5.72 -14.47
N THR A 259 9.66 -5.64 -14.04
CA THR A 259 8.61 -6.32 -14.70
C THR A 259 7.84 -5.34 -15.60
N PRO A 260 7.07 -5.87 -16.54
CA PRO A 260 6.25 -4.93 -17.30
C PRO A 260 5.12 -4.24 -16.50
N LEU A 261 4.55 -4.88 -15.47
CA LEU A 261 3.53 -4.17 -14.63
C LEU A 261 4.18 -2.99 -13.86
N VAL A 262 5.37 -3.23 -13.35
CA VAL A 262 6.10 -2.16 -12.66
C VAL A 262 6.43 -1.00 -13.59
N LEU A 263 6.97 -1.28 -14.76
CA LEU A 263 7.19 -0.23 -15.76
C LEU A 263 5.95 0.51 -16.08
N GLU A 264 4.88 -0.21 -16.35
CA GLU A 264 3.60 0.45 -16.61
C GLU A 264 3.13 1.31 -15.43
N VAL A 265 3.16 0.76 -14.22
CA VAL A 265 2.60 1.47 -13.08
C VAL A 265 3.49 2.64 -12.65
N PHE A 266 4.77 2.41 -12.39
CA PHE A 266 5.66 3.50 -11.99
C PHE A 266 6.22 4.35 -13.13
N GLY A 267 6.13 3.90 -14.39
CA GLY A 267 6.38 4.76 -15.58
C GLY A 267 5.11 5.37 -16.16
N ASN B 2 -3.17 4.34 -22.39
CA ASN B 2 -1.89 3.58 -22.48
C ASN B 2 -1.51 2.82 -21.17
N HIS B 3 -2.47 2.10 -20.57
CA HIS B 3 -2.20 1.24 -19.38
C HIS B 3 -3.00 -0.03 -19.52
N PRO B 4 -2.62 -0.87 -20.50
CA PRO B 4 -3.44 -2.03 -20.77
C PRO B 4 -3.41 -3.08 -19.69
N MET B 5 -2.27 -3.27 -19.04
CA MET B 5 -2.13 -4.29 -17.98
C MET B 5 -2.94 -3.92 -16.76
N LEU B 6 -2.79 -2.67 -16.36
CA LEU B 6 -3.52 -2.15 -15.23
C LEU B 6 -5.00 -2.17 -15.55
N MET B 7 -5.36 -1.70 -16.73
CA MET B 7 -6.75 -1.67 -17.15
C MET B 7 -7.38 -3.05 -17.26
N ASN B 8 -6.60 -4.02 -17.70
CA ASN B 8 -7.03 -5.43 -17.72
C ASN B 8 -7.22 -6.04 -16.32
N LEU B 9 -6.30 -5.71 -15.41
CA LEU B 9 -6.46 -6.17 -14.02
C LEU B 9 -7.65 -5.55 -13.25
N LEU B 10 -8.11 -4.40 -13.76
CA LEU B 10 -9.15 -3.60 -13.18
C LEU B 10 -10.49 -4.01 -13.71
N LYS B 11 -10.55 -4.54 -14.94
CA LYS B 11 -11.84 -4.86 -15.52
C LYS B 11 -12.54 -5.96 -14.75
N ASP B 12 -13.85 -5.99 -14.88
CA ASP B 12 -14.71 -7.01 -14.24
C ASP B 12 -14.28 -8.48 -14.47
C01 8J3 C . 4.82 -8.60 2.39
O01 8J3 C . 4.31 -7.98 3.58
C02 8J3 C . 3.94 -8.24 1.21
C03 8J3 C . 3.89 -6.71 1.02
C04 8J3 C . 5.27 -6.35 0.73
C05 8J3 C . 6.36 -6.81 1.59
C06 8J3 C . 7.46 -6.15 1.99
C07 8J3 C . 7.75 -4.78 1.60
C08 8J3 C . 8.96 -4.21 1.73
C09 8J3 C . 10.18 -4.89 2.27
C10 8J3 C . 6.25 -8.22 2.05
C11 8J3 C . 11.08 -5.11 1.03
C12 8J3 C . 11.39 -3.76 0.37
C13 8J3 C . 10.14 -2.95 0.02
C14 8J3 C . 9.30 -2.85 1.27
C15 8J3 C . 8.20 -1.84 0.98
C16 8J3 C . 8.94 -0.81 0.18
O02 8J3 C . 3.04 -6.39 -0.07
C39 8J3 C . 5.55 -5.79 -0.42
C18 8J3 C . 9.40 -3.66 -1.15
C17 8J3 C . 10.28 -1.46 -0.20
C20 8J3 C . 10.70 -1.08 -1.61
C21 8J3 C . 12.08 -1.64 -1.98
C22 8J3 C . 10.70 0.40 -1.82
C23 8J3 C . 10.76 0.73 -3.03
C24 8J3 C . 10.87 1.01 -4.18
C25 8J3 C . 10.97 1.32 -5.62
O03 8J3 C . 9.65 1.57 -6.06
C29 8J3 C . 11.42 0.12 -6.41
C34 8J3 C . 10.65 -1.14 -6.07
C37 8J3 C . 11.21 0.43 -7.88
C35 8J3 C . 11.64 -0.75 -8.74
C38 8J3 C . 10.83 -1.99 -8.36
C33 8J3 C . 11.09 -2.33 -6.90
C32 8J3 C . 12.58 -2.57 -6.68
C36 8J3 C . 13.12 -0.98 -8.51
C31 8J3 C . 13.35 -1.29 -7.04
C30 8J3 C . 12.90 -0.11 -6.17
#